data_7HGM
#
_entry.id   7HGM
#
_cell.length_a   41.590
_cell.length_b   42.360
_cell.length_c   159.810
_cell.angle_alpha   90.00
_cell.angle_beta   90.00
_cell.angle_gamma   90.00
#
_symmetry.space_group_name_H-M   'P 21 21 21'
#
loop_
_entity.id
_entity.type
_entity.pdbx_description
1 polymer 'Hepatoma-derived growth factor-related protein 2'
2 non-polymer 'SULFATE ION'
3 non-polymer 1,2-ETHANEDIOL
4 non-polymer N-{[(4R)-5,6,7,8-tetrahydro[1,2,4]triazolo[4,3-a]pyridin-3-yl]methyl}propanamide
5 water water
#
_entity_poly.entity_id   1
_entity_poly.type   'polypeptide(L)'
_entity_poly.pdbx_seq_one_letter_code
;GMPHAFKPGDLVFAKMKGYPHWPARIDDIADGAVKPPPNKYPIFFFGTHETAFLGPKDLFPYDKSKDKYGKPNKRKGFNE
GLWEIQNNPHASYS
;
_entity_poly.pdbx_strand_id   A,B,C
#
loop_
_chem_comp.id
_chem_comp.type
_chem_comp.name
_chem_comp.formula
A1AM1 non-polymer N-{[(4R)-5,6,7,8-tetrahydro[1,2,4]triazolo[4,3-a]pyridin-3-yl]methyl}propanamide 'C10 H16 N4 O'
EDO non-polymer 1,2-ETHANEDIOL 'C2 H6 O2'
SO4 non-polymer 'SULFATE ION' 'O4 S -2'
#
# COMPACT_ATOMS: atom_id res chain seq x y z
N MET A 2 -7.33 9.25 -25.86
CA MET A 2 -7.27 7.78 -26.03
C MET A 2 -6.46 7.17 -24.88
N PRO A 3 -6.72 5.88 -24.53
CA PRO A 3 -5.95 5.15 -23.52
C PRO A 3 -4.44 4.96 -23.74
N HIS A 4 -3.68 5.01 -22.64
CA HIS A 4 -2.27 4.67 -22.67
C HIS A 4 -2.16 3.22 -22.18
N ALA A 5 -0.96 2.63 -22.23
CA ALA A 5 -0.73 1.40 -21.48
C ALA A 5 -0.86 1.67 -19.98
N PHE A 6 -1.10 0.59 -19.23
CA PHE A 6 -1.07 0.63 -17.77
C PHE A 6 0.29 1.15 -17.27
N LYS A 7 0.23 1.96 -16.19
CA LYS A 7 1.45 2.44 -15.56
C LYS A 7 1.27 2.37 -14.04
N PRO A 8 2.35 2.29 -13.25
CA PRO A 8 2.24 2.29 -11.79
C PRO A 8 1.38 3.47 -11.33
N GLY A 9 0.49 3.23 -10.35
CA GLY A 9 -0.39 4.27 -9.83
C GLY A 9 -1.80 4.17 -10.43
N ASP A 10 -1.93 3.50 -11.58
CA ASP A 10 -3.28 3.36 -12.12
C ASP A 10 -4.19 2.55 -11.18
N LEU A 11 -5.45 2.98 -11.06
CA LEU A 11 -6.45 2.31 -10.23
C LEU A 11 -7.34 1.47 -11.11
N VAL A 12 -7.64 0.25 -10.60
CA VAL A 12 -8.38 -0.76 -11.39
C VAL A 12 -9.31 -1.54 -10.48
N PHE A 13 -10.27 -2.25 -11.11
CA PHE A 13 -10.73 -3.48 -10.49
C PHE A 13 -9.99 -4.62 -11.19
N ALA A 14 -9.46 -5.57 -10.39
CA ALA A 14 -8.64 -6.67 -10.91
C ALA A 14 -9.37 -7.99 -10.70
N LYS A 15 -9.41 -8.81 -11.77
CA LYS A 15 -10.20 -10.04 -11.69
C LYS A 15 -9.28 -11.24 -11.58
N MET A 16 -9.59 -12.08 -10.58
CA MET A 16 -8.99 -13.39 -10.50
C MET A 16 -10.07 -14.46 -10.33
N LYS A 17 -9.74 -15.66 -10.82
CA LYS A 17 -10.59 -16.85 -10.74
C LYS A 17 -11.16 -16.99 -9.34
N GLY A 18 -12.50 -17.13 -9.24
CA GLY A 18 -13.09 -17.40 -7.95
C GLY A 18 -13.28 -16.18 -7.06
N TYR A 19 -12.91 -14.98 -7.55
CA TYR A 19 -13.13 -13.82 -6.73
C TYR A 19 -13.86 -12.77 -7.54
N PRO A 20 -14.64 -11.88 -6.88
CA PRO A 20 -15.31 -10.77 -7.57
C PRO A 20 -14.23 -9.79 -8.03
N HIS A 21 -14.50 -9.01 -9.07
CA HIS A 21 -13.66 -7.90 -9.52
C HIS A 21 -13.30 -7.04 -8.31
N TRP A 22 -11.98 -6.85 -8.07
CA TRP A 22 -11.52 -6.46 -6.75
C TRP A 22 -10.81 -5.10 -6.82
N PRO A 23 -11.08 -4.12 -5.93
CA PRO A 23 -10.33 -2.86 -5.97
C PRO A 23 -8.82 -3.08 -5.85
N ALA A 24 -8.03 -2.46 -6.74
CA ALA A 24 -6.59 -2.69 -6.75
C ALA A 24 -5.86 -1.55 -7.48
N ARG A 25 -4.52 -1.56 -7.38
CA ARG A 25 -3.72 -0.58 -8.10
C ARG A 25 -2.59 -1.30 -8.79
N ILE A 26 -2.11 -0.70 -9.89
CA ILE A 26 -0.82 -1.15 -10.43
C ILE A 26 0.27 -0.63 -9.52
N ASP A 27 1.11 -1.54 -9.02
CA ASP A 27 2.22 -1.13 -8.15
C ASP A 27 3.50 -0.83 -8.94
N ASP A 28 4.44 -0.14 -8.28
CA ASP A 28 5.81 -0.07 -8.75
C ASP A 28 6.54 -1.32 -8.26
N ILE A 29 7.72 -1.56 -8.83
CA ILE A 29 8.57 -2.63 -8.31
C ILE A 29 9.72 -1.87 -7.65
N ALA A 30 9.94 -2.13 -6.36
CA ALA A 30 10.98 -1.45 -5.60
C ALA A 30 12.35 -1.90 -6.14
N ASP A 31 13.33 -1.00 -6.09
CA ASP A 31 14.70 -1.45 -6.35
C ASP A 31 14.99 -2.70 -5.52
N GLY A 32 15.56 -3.71 -6.18
CA GLY A 32 16.03 -4.94 -5.55
C GLY A 32 14.94 -5.97 -5.27
N ALA A 33 13.69 -5.65 -5.67
CA ALA A 33 12.59 -6.56 -5.43
C ALA A 33 12.28 -7.42 -6.68
N VAL A 34 11.59 -8.53 -6.44
CA VAL A 34 11.25 -9.48 -7.51
C VAL A 34 10.37 -8.83 -8.57
N LYS A 35 10.75 -9.01 -9.83
CA LYS A 35 10.05 -8.45 -10.99
C LYS A 35 8.94 -9.40 -11.43
N PRO A 36 7.88 -8.92 -12.11
CA PRO A 36 6.82 -9.83 -12.55
C PRO A 36 7.29 -10.56 -13.80
N PRO A 37 6.62 -11.65 -14.21
CA PRO A 37 6.86 -12.25 -15.52
C PRO A 37 6.67 -11.21 -16.61
N PRO A 38 7.22 -11.42 -17.82
CA PRO A 38 6.90 -10.60 -18.99
C PRO A 38 5.38 -10.52 -19.21
N ASN A 39 4.95 -9.33 -19.63
CA ASN A 39 3.59 -9.01 -19.99
C ASN A 39 2.68 -8.92 -18.77
N LYS A 40 3.23 -9.14 -17.56
CA LYS A 40 2.41 -9.11 -16.34
C LYS A 40 2.76 -7.84 -15.54
N TYR A 41 1.76 -7.39 -14.75
CA TYR A 41 1.92 -6.23 -13.90
C TYR A 41 1.81 -6.68 -12.44
N PRO A 42 2.49 -5.98 -11.49
CA PRO A 42 2.26 -6.27 -10.08
C PRO A 42 0.99 -5.55 -9.63
N ILE A 43 0.01 -6.33 -9.16
CA ILE A 43 -1.27 -5.76 -8.76
C ILE A 43 -1.36 -5.85 -7.24
N PHE A 44 -1.56 -4.67 -6.60
CA PHE A 44 -1.77 -4.62 -5.17
C PHE A 44 -3.29 -4.53 -4.94
N PHE A 45 -3.79 -5.49 -4.18
CA PHE A 45 -5.22 -5.57 -3.88
C PHE A 45 -5.51 -4.83 -2.60
N PHE A 46 -6.39 -3.80 -2.69
CA PHE A 46 -6.79 -3.06 -1.50
C PHE A 46 -7.57 -3.99 -0.56
N GLY A 47 -7.50 -3.69 0.74
CA GLY A 47 -8.29 -4.46 1.70
C GLY A 47 -7.50 -5.69 2.16
N THR A 48 -7.25 -6.65 1.27
CA THR A 48 -6.42 -7.81 1.57
C THR A 48 -4.94 -7.44 1.66
N HIS A 49 -4.53 -6.42 0.89
CA HIS A 49 -3.16 -5.98 0.81
C HIS A 49 -2.26 -7.07 0.23
N GLU A 50 -2.82 -7.95 -0.62
CA GLU A 50 -2.01 -8.96 -1.26
C GLU A 50 -1.54 -8.49 -2.65
N THR A 51 -0.51 -9.15 -3.20
CA THR A 51 -0.02 -8.80 -4.53
C THR A 51 -0.13 -10.06 -5.39
N ALA A 52 -0.65 -9.91 -6.61
CA ALA A 52 -0.58 -10.96 -7.62
C ALA A 52 -0.16 -10.37 -8.96
N PHE A 53 0.28 -11.23 -9.91
CA PHE A 53 0.74 -10.74 -11.19
C PHE A 53 -0.32 -11.04 -12.23
N LEU A 54 -0.77 -9.96 -12.92
CA LEU A 54 -1.90 -10.12 -13.82
C LEU A 54 -1.61 -9.40 -15.12
N GLY A 55 -2.25 -9.87 -16.20
CA GLY A 55 -2.15 -9.14 -17.45
C GLY A 55 -3.41 -8.28 -17.67
N PRO A 56 -3.38 -7.41 -18.69
CA PRO A 56 -4.44 -6.42 -18.93
C PRO A 56 -5.82 -7.02 -19.14
N LYS A 57 -5.88 -8.30 -19.54
CA LYS A 57 -7.21 -8.89 -19.71
C LYS A 57 -8.01 -8.92 -18.40
N ASP A 58 -7.33 -8.89 -17.26
CA ASP A 58 -8.01 -9.00 -16.00
C ASP A 58 -8.03 -7.65 -15.28
N LEU A 59 -7.65 -6.57 -15.98
CA LEU A 59 -7.56 -5.24 -15.35
C LEU A 59 -8.60 -4.28 -15.98
N PHE A 60 -9.50 -3.79 -15.13
CA PHE A 60 -10.59 -2.91 -15.56
C PHE A 60 -10.38 -1.53 -14.97
N PRO A 61 -10.18 -0.48 -15.77
CA PRO A 61 -9.95 0.86 -15.19
C PRO A 61 -11.04 1.32 -14.24
N TYR A 62 -10.61 1.91 -13.11
CA TYR A 62 -11.51 2.09 -11.98
C TYR A 62 -12.65 3.08 -12.29
N ASP A 63 -12.34 4.19 -12.96
CA ASP A 63 -13.33 5.22 -13.19
C ASP A 63 -14.48 4.64 -13.99
N LYS A 64 -14.13 3.97 -15.11
CA LYS A 64 -15.11 3.37 -16.01
C LYS A 64 -15.94 2.29 -15.31
N SER A 65 -15.36 1.54 -14.36
CA SER A 65 -15.94 0.29 -13.89
C SER A 65 -16.61 0.38 -12.51
N LYS A 66 -16.43 1.50 -11.80
CA LYS A 66 -16.81 1.52 -10.39
C LYS A 66 -18.31 1.43 -10.18
N ASP A 67 -19.10 1.96 -11.13
N ASP A 67 -19.09 1.99 -11.11
CA ASP A 67 -20.54 1.87 -11.07
CA ASP A 67 -20.55 1.85 -11.07
C ASP A 67 -21.01 0.41 -11.03
C ASP A 67 -20.94 0.38 -10.94
N LYS A 68 -20.32 -0.47 -11.77
CA LYS A 68 -20.68 -1.88 -11.80
C LYS A 68 -20.06 -2.68 -10.67
N TYR A 69 -18.79 -2.39 -10.32
CA TYR A 69 -18.02 -3.31 -9.48
C TYR A 69 -17.82 -2.78 -8.06
N GLY A 70 -18.15 -1.51 -7.83
CA GLY A 70 -17.79 -0.88 -6.56
C GLY A 70 -18.97 -0.90 -5.57
N LYS A 71 -19.53 -2.07 -5.32
CA LYS A 71 -20.57 -2.18 -4.33
C LYS A 71 -20.08 -3.14 -3.27
N PRO A 72 -20.58 -3.05 -2.01
CA PRO A 72 -20.11 -3.92 -0.92
C PRO A 72 -20.29 -5.39 -1.24
N ASN A 73 -19.39 -6.22 -0.74
CA ASN A 73 -19.33 -7.65 -1.01
C ASN A 73 -19.02 -8.29 0.32
N LYS A 74 -19.39 -9.56 0.48
CA LYS A 74 -19.25 -10.22 1.75
C LYS A 74 -17.81 -10.73 1.96
N ARG A 75 -17.01 -10.71 0.89
CA ARG A 75 -15.71 -11.38 0.93
C ARG A 75 -14.75 -10.61 1.84
N LYS A 76 -13.84 -11.37 2.50
CA LYS A 76 -12.91 -10.82 3.48
C LYS A 76 -12.04 -9.76 2.81
N GLY A 77 -12.07 -8.54 3.38
CA GLY A 77 -11.20 -7.46 2.95
C GLY A 77 -11.86 -6.53 1.93
N PHE A 78 -12.94 -6.98 1.29
CA PHE A 78 -13.48 -6.25 0.16
C PHE A 78 -13.93 -4.81 0.51
N ASN A 79 -14.70 -4.65 1.59
CA ASN A 79 -15.26 -3.34 1.92
C ASN A 79 -14.17 -2.39 2.45
N GLU A 80 -13.17 -2.95 3.14
CA GLU A 80 -12.02 -2.16 3.50
C GLU A 80 -11.34 -1.70 2.20
N GLY A 81 -11.28 -2.62 1.22
CA GLY A 81 -10.66 -2.29 -0.05
C GLY A 81 -11.38 -1.17 -0.79
N LEU A 82 -12.73 -1.19 -0.76
CA LEU A 82 -13.49 -0.11 -1.35
C LEU A 82 -13.15 1.23 -0.68
N TRP A 83 -12.89 1.21 0.65
CA TRP A 83 -12.65 2.47 1.32
C TRP A 83 -11.29 2.99 0.87
N GLU A 84 -10.32 2.07 0.75
CA GLU A 84 -8.95 2.44 0.44
C GLU A 84 -8.91 3.04 -0.96
N ILE A 85 -9.55 2.39 -1.93
CA ILE A 85 -9.39 2.86 -3.32
C ILE A 85 -10.06 4.24 -3.51
N GLN A 86 -11.13 4.50 -2.71
CA GLN A 86 -11.83 5.79 -2.80
C GLN A 86 -11.12 6.90 -2.02
N ASN A 87 -10.52 6.55 -0.86
CA ASN A 87 -10.14 7.57 0.10
C ASN A 87 -8.62 7.78 0.20
N ASN A 88 -7.79 6.74 -0.01
CA ASN A 88 -6.35 6.93 0.00
C ASN A 88 -5.65 5.89 -0.87
N PRO A 89 -5.89 5.90 -2.20
CA PRO A 89 -5.44 4.84 -3.07
C PRO A 89 -3.93 4.79 -3.26
N HIS A 90 -3.21 5.86 -2.92
CA HIS A 90 -1.79 5.94 -3.22
C HIS A 90 -0.95 5.86 -1.93
N ALA A 91 -1.57 5.49 -0.82
CA ALA A 91 -0.86 5.42 0.46
C ALA A 91 0.02 4.18 0.55
N SER A 92 0.95 4.22 1.50
CA SER A 92 1.66 3.00 1.88
C SER A 92 0.79 2.14 2.78
N TYR A 93 0.66 0.87 2.40
CA TYR A 93 -0.17 -0.08 3.12
C TYR A 93 0.70 -1.21 3.63
N SER A 94 2.02 -1.00 3.61
CA SER A 94 2.94 -1.93 4.23
C SER A 94 2.75 -1.88 5.77
N MET B 2 43.85 6.80 6.65
CA MET B 2 44.61 5.57 7.00
C MET B 2 44.10 4.43 6.13
N PRO B 3 44.96 3.76 5.31
CA PRO B 3 44.50 2.65 4.47
C PRO B 3 43.78 1.64 5.36
N HIS B 4 42.68 1.07 4.83
CA HIS B 4 41.93 0.03 5.53
C HIS B 4 41.94 -1.25 4.70
N ALA B 5 41.33 -2.31 5.26
CA ALA B 5 41.31 -3.59 4.57
C ALA B 5 40.75 -3.41 3.17
N PHE B 6 39.73 -2.56 3.11
CA PHE B 6 39.05 -2.20 1.86
C PHE B 6 39.31 -0.73 1.57
N LYS B 7 39.64 -0.44 0.32
CA LYS B 7 39.91 0.91 -0.11
C LYS B 7 38.89 1.34 -1.18
N PRO B 8 38.64 2.67 -1.33
CA PRO B 8 37.81 3.20 -2.41
C PRO B 8 38.12 2.60 -3.78
N GLY B 9 37.07 2.16 -4.48
CA GLY B 9 37.20 1.56 -5.80
C GLY B 9 37.30 0.03 -5.76
N ASP B 10 37.49 -0.56 -4.55
CA ASP B 10 37.47 -2.02 -4.49
C ASP B 10 36.06 -2.53 -4.86
N LEU B 11 36.04 -3.58 -5.66
CA LEU B 11 34.78 -4.17 -6.09
C LEU B 11 34.43 -5.32 -5.17
N VAL B 12 33.12 -5.48 -4.86
CA VAL B 12 32.65 -6.50 -3.91
C VAL B 12 31.26 -6.97 -4.34
N PHE B 13 30.80 -8.07 -3.71
CA PHE B 13 29.37 -8.28 -3.56
C PHE B 13 29.02 -7.87 -2.13
N ALA B 14 27.93 -7.13 -1.97
CA ALA B 14 27.51 -6.65 -0.67
C ALA B 14 26.17 -7.27 -0.29
N LYS B 15 26.09 -7.71 0.98
CA LYS B 15 24.91 -8.46 1.40
C LYS B 15 24.06 -7.63 2.35
N MET B 16 22.75 -7.54 2.03
CA MET B 16 21.75 -6.96 2.92
C MET B 16 20.62 -7.96 3.14
N LYS B 17 20.07 -7.94 4.36
CA LYS B 17 18.97 -8.85 4.68
C LYS B 17 17.83 -8.62 3.69
N GLY B 18 17.31 -9.71 3.12
CA GLY B 18 16.21 -9.63 2.17
C GLY B 18 16.65 -9.63 0.71
N TYR B 19 17.97 -9.57 0.47
CA TYR B 19 18.45 -9.41 -0.90
C TYR B 19 19.62 -10.33 -1.17
N PRO B 20 19.85 -10.77 -2.43
CA PRO B 20 21.00 -11.62 -2.73
C PRO B 20 22.26 -10.76 -2.66
N HIS B 21 23.41 -11.40 -2.44
CA HIS B 21 24.70 -10.70 -2.54
C HIS B 21 24.76 -9.85 -3.81
N TRP B 22 25.12 -8.56 -3.65
CA TRP B 22 24.76 -7.62 -4.71
C TRP B 22 26.02 -6.95 -5.25
N PRO B 23 26.24 -6.86 -6.58
CA PRO B 23 27.46 -6.25 -7.09
C PRO B 23 27.56 -4.79 -6.66
N ALA B 24 28.74 -4.43 -6.17
CA ALA B 24 28.84 -3.13 -5.50
C ALA B 24 30.31 -2.70 -5.46
N ARG B 25 30.53 -1.46 -5.03
CA ARG B 25 31.88 -0.91 -4.89
C ARG B 25 32.01 -0.13 -3.58
N ILE B 26 33.27 -0.05 -3.09
CA ILE B 26 33.54 0.81 -1.97
C ILE B 26 33.70 2.21 -2.54
N ASP B 27 32.97 3.17 -1.97
CA ASP B 27 33.04 4.57 -2.39
C ASP B 27 34.01 5.38 -1.51
N ASP B 28 34.33 6.59 -1.98
N ASP B 28 34.38 6.58 -1.98
CA ASP B 28 35.12 7.58 -1.26
CA ASP B 28 35.18 7.50 -1.19
C ASP B 28 34.21 8.27 -0.24
C ASP B 28 34.24 8.46 -0.45
N ILE B 29 34.78 9.20 0.54
CA ILE B 29 33.99 10.06 1.42
C ILE B 29 34.28 11.53 1.05
N VAL B 34 28.34 13.28 5.62
CA VAL B 34 28.17 12.25 6.69
C VAL B 34 29.38 11.34 6.62
N LYS B 35 29.76 10.77 7.78
CA LYS B 35 30.79 9.72 7.81
C LYS B 35 30.13 8.39 8.17
N PRO B 36 30.67 7.24 7.68
CA PRO B 36 30.16 5.92 8.09
C PRO B 36 30.13 5.77 9.61
N PRO B 37 29.26 4.93 10.23
CA PRO B 37 29.38 4.63 11.64
C PRO B 37 30.72 3.92 11.74
N PRO B 38 31.28 3.70 12.96
CA PRO B 38 32.57 3.00 13.08
C PRO B 38 32.56 1.62 12.42
N ASN B 39 33.70 1.24 11.81
CA ASN B 39 33.91 -0.10 11.28
C ASN B 39 33.18 -0.35 9.94
N LYS B 40 32.43 0.64 9.44
CA LYS B 40 31.62 0.40 8.25
C LYS B 40 32.14 1.25 7.11
N TYR B 41 31.69 0.92 5.90
CA TYR B 41 32.22 1.51 4.69
C TYR B 41 31.05 2.07 3.88
N PRO B 42 31.26 3.14 3.07
CA PRO B 42 30.24 3.59 2.14
C PRO B 42 30.18 2.64 0.94
N ILE B 43 29.00 2.05 0.73
CA ILE B 43 28.79 1.11 -0.37
C ILE B 43 27.93 1.75 -1.46
N PHE B 44 28.31 1.56 -2.73
CA PHE B 44 27.44 1.94 -3.85
C PHE B 44 27.05 0.65 -4.54
N PHE B 45 25.74 0.39 -4.69
CA PHE B 45 25.22 -0.80 -5.35
C PHE B 45 25.00 -0.49 -6.80
N PHE B 46 25.67 -1.29 -7.65
CA PHE B 46 25.50 -1.15 -9.09
C PHE B 46 24.07 -1.52 -9.49
N GLY B 47 23.62 -1.00 -10.64
CA GLY B 47 22.28 -1.34 -11.11
C GLY B 47 21.23 -0.42 -10.49
N THR B 48 21.01 -0.53 -9.20
CA THR B 48 20.04 0.30 -8.49
C THR B 48 20.62 1.68 -8.21
N HIS B 49 21.94 1.76 -8.04
CA HIS B 49 22.63 2.99 -7.67
C HIS B 49 22.25 3.44 -6.28
N GLU B 50 21.78 2.51 -5.42
CA GLU B 50 21.52 2.90 -4.04
C GLU B 50 22.83 2.87 -3.26
N THR B 51 22.78 3.38 -2.03
CA THR B 51 23.95 3.46 -1.17
C THR B 51 23.55 2.94 0.20
N ALA B 52 24.54 2.46 0.96
CA ALA B 52 24.36 2.04 2.34
C ALA B 52 25.72 2.01 3.03
N PHE B 53 25.69 1.99 4.36
CA PHE B 53 26.90 1.73 5.12
C PHE B 53 26.90 0.27 5.57
N LEU B 54 27.97 -0.46 5.21
CA LEU B 54 28.06 -1.85 5.62
C LEU B 54 29.42 -2.13 6.23
N GLY B 55 29.45 -3.15 7.10
CA GLY B 55 30.68 -3.65 7.73
C GLY B 55 31.29 -4.79 6.92
N PRO B 56 32.58 -5.16 7.16
CA PRO B 56 33.19 -6.31 6.49
C PRO B 56 32.48 -7.66 6.44
N LYS B 57 31.69 -7.99 7.48
CA LYS B 57 31.05 -9.30 7.50
C LYS B 57 30.10 -9.43 6.31
N ASP B 58 29.68 -8.28 5.74
CA ASP B 58 28.74 -8.29 4.64
C ASP B 58 29.39 -7.96 3.29
N LEU B 59 30.74 -7.91 3.27
CA LEU B 59 31.46 -7.52 2.05
C LEU B 59 32.33 -8.66 1.56
N PHE B 60 32.13 -9.04 0.30
CA PHE B 60 32.77 -10.20 -0.31
C PHE B 60 33.58 -9.72 -1.51
N PRO B 61 34.93 -9.71 -1.45
CA PRO B 61 35.75 -9.33 -2.62
C PRO B 61 35.28 -9.94 -3.94
N TYR B 62 35.12 -9.08 -4.99
CA TYR B 62 34.48 -9.46 -6.23
C TYR B 62 35.17 -10.60 -6.97
N ASP B 63 36.50 -10.51 -7.13
CA ASP B 63 37.29 -11.52 -7.82
C ASP B 63 37.09 -12.90 -7.22
N LYS B 64 37.32 -12.99 -5.91
CA LYS B 64 37.14 -14.23 -5.17
C LYS B 64 35.72 -14.78 -5.36
N SER B 65 34.72 -13.90 -5.44
CA SER B 65 33.35 -14.37 -5.20
C SER B 65 32.45 -14.32 -6.44
N LYS B 66 32.97 -13.91 -7.59
CA LYS B 66 32.07 -13.66 -8.70
C LYS B 66 31.44 -14.92 -9.28
N ASP B 67 32.14 -16.05 -9.27
CA ASP B 67 31.50 -17.18 -9.94
C ASP B 67 30.36 -17.70 -9.07
N LYS B 68 30.45 -17.47 -7.76
CA LYS B 68 29.42 -17.90 -6.82
C LYS B 68 28.23 -16.94 -6.84
N TYR B 69 28.50 -15.63 -6.73
CA TYR B 69 27.43 -14.65 -6.56
C TYR B 69 27.06 -13.93 -7.86
N GLY B 70 27.90 -14.01 -8.91
CA GLY B 70 27.68 -13.15 -10.07
C GLY B 70 26.73 -13.74 -11.12
N LYS B 71 25.68 -14.46 -10.71
CA LYS B 71 24.77 -15.08 -11.67
C LYS B 71 23.55 -14.17 -11.80
N PRO B 72 22.95 -14.04 -13.00
CA PRO B 72 21.70 -13.29 -13.10
C PRO B 72 20.56 -13.83 -12.23
N ASN B 73 19.66 -12.92 -11.84
CA ASN B 73 18.44 -13.30 -11.15
C ASN B 73 17.31 -12.33 -11.59
N LYS B 74 16.16 -12.45 -10.92
CA LYS B 74 14.99 -11.67 -11.28
C LYS B 74 14.78 -10.43 -10.39
N ARG B 75 15.77 -10.07 -9.53
CA ARG B 75 15.65 -8.84 -8.77
C ARG B 75 15.90 -7.63 -9.66
N LYS B 76 15.02 -6.63 -9.54
CA LYS B 76 15.12 -5.36 -10.26
C LYS B 76 16.45 -4.65 -9.97
N GLY B 77 17.18 -4.44 -11.09
CA GLY B 77 18.47 -3.72 -11.07
C GLY B 77 19.68 -4.66 -11.03
N PHE B 78 19.47 -5.92 -10.65
CA PHE B 78 20.58 -6.87 -10.48
C PHE B 78 21.33 -7.10 -11.80
N ASN B 79 20.65 -7.41 -12.90
CA ASN B 79 21.37 -7.73 -14.12
C ASN B 79 22.07 -6.47 -14.65
N GLU B 80 21.46 -5.30 -14.46
CA GLU B 80 22.14 -4.08 -14.88
C GLU B 80 23.40 -3.89 -14.05
N GLY B 81 23.32 -4.23 -12.75
CA GLY B 81 24.46 -4.08 -11.83
C GLY B 81 25.60 -5.00 -12.21
N LEU B 82 25.25 -6.20 -12.69
CA LEU B 82 26.23 -7.13 -13.23
C LEU B 82 26.93 -6.48 -14.42
N TRP B 83 26.17 -5.81 -15.29
CA TRP B 83 26.72 -5.15 -16.46
C TRP B 83 27.72 -4.07 -16.03
N GLU B 84 27.32 -3.25 -15.06
CA GLU B 84 28.12 -2.12 -14.62
C GLU B 84 29.43 -2.56 -13.95
N ILE B 85 29.37 -3.57 -13.07
CA ILE B 85 30.60 -3.95 -12.34
C ILE B 85 31.64 -4.52 -13.30
N GLN B 86 31.15 -5.17 -14.35
CA GLN B 86 31.98 -5.78 -15.38
C GLN B 86 32.54 -4.72 -16.32
N ASN B 87 31.74 -3.74 -16.70
CA ASN B 87 32.09 -2.96 -17.88
C ASN B 87 32.53 -1.54 -17.57
N ASN B 88 32.07 -0.96 -16.47
CA ASN B 88 32.46 0.39 -16.09
C ASN B 88 32.27 0.59 -14.58
N PRO B 89 33.01 -0.20 -13.76
CA PRO B 89 32.83 -0.16 -12.30
C PRO B 89 33.17 1.17 -11.65
N HIS B 90 33.99 2.01 -12.33
CA HIS B 90 34.47 3.23 -11.68
C HIS B 90 33.81 4.51 -12.22
N ALA B 91 32.79 4.37 -13.08
CA ALA B 91 32.09 5.55 -13.60
C ALA B 91 31.34 6.35 -12.54
N SER B 92 31.02 7.62 -12.89
CA SER B 92 30.04 8.39 -12.17
C SER B 92 28.66 7.94 -12.62
N TYR B 93 27.84 7.56 -11.64
CA TYR B 93 26.45 7.15 -11.83
C TYR B 93 25.55 8.22 -11.23
N SER B 94 26.11 9.43 -11.10
CA SER B 94 25.43 10.60 -10.56
C SER B 94 24.29 11.02 -11.49
N HIS C 4 -24.33 20.92 19.01
CA HIS C 4 -24.88 21.47 17.74
C HIS C 4 -26.40 21.32 17.76
N ALA C 5 -26.94 20.80 16.66
CA ALA C 5 -28.36 20.43 16.54
C ALA C 5 -28.52 19.46 15.38
N PHE C 6 -29.35 18.45 15.60
CA PHE C 6 -29.47 17.40 14.61
C PHE C 6 -30.95 17.30 14.23
N LYS C 7 -31.25 17.37 12.93
CA LYS C 7 -32.60 17.13 12.42
C LYS C 7 -32.54 15.74 11.78
N PRO C 8 -33.66 15.02 11.53
CA PRO C 8 -33.56 13.73 10.84
C PRO C 8 -32.75 13.90 9.54
N GLY C 9 -32.07 12.81 9.14
CA GLY C 9 -31.36 12.79 7.88
C GLY C 9 -29.88 13.16 8.00
N ASP C 10 -29.51 13.93 9.05
CA ASP C 10 -28.14 14.37 9.24
C ASP C 10 -27.22 13.17 9.50
N LEU C 11 -26.06 13.19 8.84
CA LEU C 11 -25.05 12.15 8.92
C LEU C 11 -24.09 12.39 10.08
N VAL C 12 -23.81 11.33 10.86
CA VAL C 12 -23.02 11.49 12.06
C VAL C 12 -22.06 10.29 12.22
N PHE C 13 -21.08 10.44 13.13
CA PHE C 13 -20.51 9.31 13.86
C PHE C 13 -21.16 9.25 15.25
N ALA C 14 -21.62 8.05 15.65
CA ALA C 14 -22.36 7.86 16.89
C ALA C 14 -21.57 6.91 17.78
N LYS C 15 -21.38 7.33 19.05
CA LYS C 15 -20.55 6.57 19.99
C LYS C 15 -21.42 5.89 21.04
N MET C 16 -21.34 4.57 21.06
CA MET C 16 -21.93 3.79 22.15
C MET C 16 -20.81 3.12 22.94
N LYS C 17 -21.09 2.85 24.22
CA LYS C 17 -20.10 2.16 25.03
C LYS C 17 -19.89 0.77 24.44
N GLY C 18 -18.63 0.41 24.22
CA GLY C 18 -18.36 -0.94 23.78
C GLY C 18 -18.03 -0.98 22.29
N TYR C 19 -18.15 0.17 21.61
CA TYR C 19 -18.04 0.23 20.15
C TYR C 19 -17.28 1.47 19.71
N PRO C 20 -16.58 1.39 18.56
CA PRO C 20 -15.88 2.54 17.99
C PRO C 20 -16.91 3.56 17.52
N HIS C 21 -16.46 4.81 17.35
CA HIS C 21 -17.34 5.81 16.76
C HIS C 21 -17.84 5.28 15.42
N TRP C 22 -19.17 5.30 15.22
CA TRP C 22 -19.73 4.48 14.15
C TRP C 22 -20.48 5.32 13.12
N PRO C 23 -20.35 5.08 11.80
CA PRO C 23 -21.12 5.86 10.82
C PRO C 23 -22.62 5.66 10.99
N ALA C 24 -23.37 6.77 11.02
CA ALA C 24 -24.77 6.70 11.40
C ALA C 24 -25.54 7.88 10.82
N ARG C 25 -26.87 7.84 10.91
CA ARG C 25 -27.66 9.03 10.62
C ARG C 25 -28.74 9.21 11.69
N ILE C 26 -29.17 10.46 11.87
CA ILE C 26 -30.33 10.84 12.67
C ILE C 26 -31.59 10.42 11.92
N ASP C 27 -32.45 9.63 12.57
CA ASP C 27 -33.73 9.21 12.02
C ASP C 27 -34.85 10.13 12.49
N ASP C 28 -36.05 9.95 11.89
CA ASP C 28 -37.28 10.56 12.37
C ASP C 28 -37.97 9.54 13.28
N ILE C 29 -38.72 10.03 14.26
CA ILE C 29 -39.34 9.15 15.25
C ILE C 29 -40.70 8.68 14.71
N LYS C 35 -41.76 7.34 22.35
CA LYS C 35 -40.93 8.53 22.02
C LYS C 35 -39.53 8.29 22.60
N PRO C 36 -38.48 9.04 22.17
CA PRO C 36 -37.15 8.84 22.73
C PRO C 36 -37.20 9.00 24.24
N PRO C 37 -36.21 8.45 24.97
CA PRO C 37 -35.98 8.90 26.34
C PRO C 37 -35.72 10.40 26.22
N PRO C 38 -35.91 11.16 27.33
CA PRO C 38 -35.65 12.59 27.34
C PRO C 38 -34.29 12.94 26.74
N ASN C 39 -34.35 13.86 25.76
CA ASN C 39 -33.18 14.48 25.15
C ASN C 39 -32.34 13.46 24.38
N LYS C 40 -32.96 12.38 23.88
CA LYS C 40 -32.22 11.46 23.04
C LYS C 40 -32.71 11.51 21.60
N TYR C 41 -31.81 11.23 20.65
CA TYR C 41 -32.16 11.18 19.23
C TYR C 41 -32.24 9.72 18.79
N PRO C 42 -33.12 9.39 17.81
CA PRO C 42 -33.18 8.05 17.22
C PRO C 42 -32.04 7.99 16.20
N ILE C 43 -31.21 6.95 16.35
CA ILE C 43 -30.04 6.80 15.48
C ILE C 43 -30.23 5.55 14.64
N PHE C 44 -29.78 5.63 13.37
CA PHE C 44 -29.63 4.42 12.58
C PHE C 44 -28.16 4.26 12.20
N PHE C 45 -27.64 3.05 12.39
CA PHE C 45 -26.22 2.76 12.23
C PHE C 45 -26.04 2.14 10.85
N PHE C 46 -25.21 2.78 10.00
CA PHE C 46 -24.90 2.16 8.72
C PHE C 46 -24.11 0.86 8.92
N GLY C 47 -24.20 -0.02 7.92
CA GLY C 47 -23.47 -1.28 8.00
C GLY C 47 -24.27 -2.33 8.75
N THR C 48 -24.50 -2.11 10.06
CA THR C 48 -25.27 -3.07 10.86
C THR C 48 -26.77 -2.90 10.63
N HIS C 49 -27.19 -1.69 10.27
CA HIS C 49 -28.59 -1.34 10.05
C HIS C 49 -29.42 -1.45 11.34
N GLU C 50 -28.79 -1.24 12.50
CA GLU C 50 -29.51 -1.26 13.78
C GLU C 50 -29.91 0.17 14.18
N THR C 51 -30.75 0.27 15.23
CA THR C 51 -31.22 1.55 15.76
C THR C 51 -30.96 1.59 17.26
N ALA C 52 -30.75 2.80 17.77
CA ALA C 52 -30.65 3.06 19.20
C ALA C 52 -31.01 4.51 19.46
N PHE C 53 -31.13 4.87 20.73
CA PHE C 53 -31.30 6.26 21.12
C PHE C 53 -30.01 6.73 21.76
N LEU C 54 -29.55 7.90 21.34
CA LEU C 54 -28.32 8.45 21.88
C LEU C 54 -28.51 9.93 22.16
N GLY C 55 -27.78 10.44 23.15
CA GLY C 55 -27.82 11.86 23.43
C GLY C 55 -26.74 12.61 22.66
N PRO C 56 -26.81 13.96 22.58
CA PRO C 56 -25.91 14.74 21.73
C PRO C 56 -24.44 14.60 22.10
N LYS C 57 -24.14 14.26 23.35
CA LYS C 57 -22.75 14.06 23.73
C LYS C 57 -22.12 12.94 22.88
N ASP C 58 -22.96 12.08 22.32
CA ASP C 58 -22.49 10.85 21.71
C ASP C 58 -22.39 10.98 20.19
N LEU C 59 -22.66 12.18 19.65
CA LEU C 59 -22.88 12.33 18.22
C LEU C 59 -21.89 13.33 17.64
N PHE C 60 -21.46 13.08 16.39
CA PHE C 60 -20.41 13.86 15.73
C PHE C 60 -20.81 14.12 14.28
N PRO C 61 -20.88 15.41 13.85
CA PRO C 61 -21.28 15.70 12.47
C PRO C 61 -20.28 15.01 11.54
N TYR C 62 -20.81 14.37 10.48
CA TYR C 62 -20.03 13.47 9.63
C TYR C 62 -18.93 14.24 8.93
N ASP C 63 -19.30 15.29 8.18
CA ASP C 63 -18.32 16.08 7.44
C ASP C 63 -17.28 16.67 8.38
N LYS C 64 -17.71 17.11 9.56
CA LYS C 64 -16.80 17.73 10.50
C LYS C 64 -15.77 16.70 10.98
N SER C 65 -16.17 15.42 11.16
CA SER C 65 -15.30 14.50 11.88
C SER C 65 -14.84 13.29 11.07
N LYS C 66 -15.19 13.20 9.78
CA LYS C 66 -14.82 12.00 9.02
C LYS C 66 -13.31 11.84 8.93
N ASP C 67 -12.56 12.95 8.84
CA ASP C 67 -11.11 12.82 8.75
C ASP C 67 -10.55 11.99 9.91
N LYS C 68 -11.16 12.08 11.11
CA LYS C 68 -10.74 11.39 12.32
C LYS C 68 -11.38 9.98 12.48
N TYR C 69 -12.68 9.83 12.20
CA TYR C 69 -13.33 8.55 12.49
C TYR C 69 -13.63 7.72 11.25
N GLY C 70 -13.55 8.34 10.06
CA GLY C 70 -13.94 7.63 8.84
C GLY C 70 -12.71 6.92 8.30
N LYS C 71 -12.33 5.85 9.00
CA LYS C 71 -11.19 5.02 8.66
C LYS C 71 -11.62 3.60 9.00
N PRO C 72 -11.11 2.60 8.26
CA PRO C 72 -11.59 1.24 8.47
C PRO C 72 -11.30 0.66 9.85
N ASN C 73 -12.12 -0.31 10.19
CA ASN C 73 -11.73 -1.18 11.28
C ASN C 73 -12.46 -2.50 11.11
N LYS C 74 -12.12 -3.42 12.02
CA LYS C 74 -12.42 -4.82 11.80
C LYS C 74 -13.77 -5.19 12.41
N ARG C 75 -14.39 -4.25 13.14
CA ARG C 75 -15.65 -4.59 13.79
C ARG C 75 -16.71 -4.94 12.75
N LYS C 76 -17.54 -5.92 13.09
CA LYS C 76 -18.57 -6.42 12.18
C LYS C 76 -19.46 -5.29 11.66
N GLY C 77 -19.44 -5.10 10.34
CA GLY C 77 -20.42 -4.26 9.69
C GLY C 77 -19.88 -2.86 9.42
N PHE C 78 -18.70 -2.58 10.00
CA PHE C 78 -18.17 -1.23 10.07
C PHE C 78 -17.83 -0.75 8.65
N ASN C 79 -17.10 -1.59 7.89
CA ASN C 79 -16.58 -1.05 6.64
C ASN C 79 -17.67 -0.92 5.59
N GLU C 80 -18.64 -1.82 5.63
CA GLU C 80 -19.83 -1.61 4.81
C GLU C 80 -20.52 -0.31 5.19
N GLY C 81 -20.57 -0.03 6.51
CA GLY C 81 -21.12 1.23 6.99
C GLY C 81 -20.39 2.45 6.42
N LEU C 82 -19.04 2.40 6.41
CA LEU C 82 -18.26 3.49 5.82
C LEU C 82 -18.65 3.70 4.36
N TRP C 83 -18.86 2.62 3.63
CA TRP C 83 -19.22 2.75 2.23
C TRP C 83 -20.60 3.42 2.10
N GLU C 84 -21.58 2.98 2.92
CA GLU C 84 -22.92 3.56 2.89
C GLU C 84 -22.92 5.06 3.19
N ILE C 85 -22.22 5.48 4.25
CA ILE C 85 -22.28 6.88 4.66
C ILE C 85 -21.73 7.79 3.56
N GLN C 86 -20.75 7.28 2.80
CA GLN C 86 -20.11 8.09 1.77
C GLN C 86 -20.87 8.03 0.43
N ASN C 87 -21.45 6.88 0.11
CA ASN C 87 -21.91 6.61 -1.25
C ASN C 87 -23.44 6.54 -1.34
N ASN C 88 -24.14 6.18 -0.26
CA ASN C 88 -25.57 5.91 -0.36
C ASN C 88 -26.28 6.23 0.96
N PRO C 89 -26.06 7.43 1.54
CA PRO C 89 -26.46 7.69 2.93
C PRO C 89 -27.97 7.74 3.22
N HIS C 90 -28.78 7.91 2.16
CA HIS C 90 -30.21 8.14 2.39
C HIS C 90 -31.09 7.06 1.76
N ALA C 91 -30.49 5.96 1.29
CA ALA C 91 -31.26 4.79 0.89
C ALA C 91 -32.04 4.23 2.09
N SER C 92 -32.88 3.23 1.81
CA SER C 92 -33.92 2.75 2.73
C SER C 92 -33.39 1.76 3.76
N TYR C 93 -32.65 0.75 3.29
CA TYR C 93 -32.15 -0.32 4.15
C TYR C 93 -33.32 -0.89 4.97
S SO4 D . -14.12 -15.32 2.34
O1 SO4 D . -13.22 -15.79 3.37
O2 SO4 D . -13.39 -15.13 1.11
O3 SO4 D . -15.16 -16.29 2.13
O4 SO4 D . -14.70 -14.06 2.74
S SO4 E . -15.47 -16.48 -11.00
O1 SO4 E . -14.65 -17.06 -12.02
O2 SO4 E . -16.39 -15.54 -11.59
O3 SO4 E . -16.21 -17.50 -10.29
O4 SO4 E . -14.63 -15.77 -10.06
C1 EDO F . 1.61 -1.42 -0.28
O1 EDO F . 1.94 -0.09 0.10
C2 EDO F . 2.49 -1.94 -1.37
O2 EDO F . 2.29 -1.33 -2.63
N1 A1AM1 G . -7.79 -13.34 -0.93
N3 A1AM1 G . -7.16 -12.67 -2.93
C4 A1AM1 G . -7.10 -13.67 -1.99
C5 A1AM1 G . -7.90 -11.68 -2.33
C6 A1AM1 G . -7.97 -10.33 -2.98
C7 A1AM1 G . -8.19 -10.62 -4.45
C8 A1AM1 G . -6.99 -11.32 -5.06
N A1AM1 G . -4.91 -14.73 -2.09
C A1AM1 G . -3.64 -12.52 -4.39
O A1AM1 G . -4.19 -15.58 -4.04
C1 A1AM1 G . -3.23 -13.51 -3.31
C2 A1AM1 G . -4.15 -14.69 -3.18
C3 A1AM1 G . -6.34 -14.95 -2.17
C9 A1AM1 G . -6.67 -12.62 -4.33
N2 A1AM1 G . -8.32 -12.08 -1.15
S SO4 H . -14.29 -5.89 5.10
O1 SO4 H . -13.11 -5.10 5.02
O2 SO4 H . -13.93 -7.26 5.43
O3 SO4 H . -15.17 -5.36 6.10
O4 SO4 H . -14.94 -5.89 3.80
S SO4 I . 17.67 -5.13 -14.66
O1 SO4 I . 18.87 -4.69 -13.98
O2 SO4 I . 17.75 -6.55 -14.94
O3 SO4 I . 16.45 -4.93 -13.87
O4 SO4 I . 17.60 -4.36 -15.88
S SO4 J . 18.08 -13.36 3.54
O1 SO4 J . 18.06 -11.93 3.74
O2 SO4 J . 18.56 -13.98 4.75
O3 SO4 J . 16.76 -13.84 3.26
O4 SO4 J . 18.96 -13.67 2.43
N1 A1AM1 K . 18.17 -0.91 -3.53
N3 A1AM1 K . 18.85 -2.63 -2.33
C4 A1AM1 K . 17.92 -1.63 -2.46
C5 A1AM1 K . 19.69 -2.49 -3.42
C6 A1AM1 K . 20.81 -3.46 -3.66
C7 A1AM1 K . 20.83 -4.61 -2.63
C8 A1AM1 K . 20.45 -4.12 -1.26
N A1AM1 K . 17.13 -0.39 -0.53
C A1AM1 K . 18.96 0.53 2.48
O A1AM1 K . 17.21 -1.55 1.39
C1 A1AM1 K . 18.92 0.08 1.01
C2 A1AM1 K . 17.68 -0.68 0.64
C3 A1AM1 K . 16.79 -1.42 -1.50
C9 A1AM1 K . 19.02 -3.64 -1.26
N2 A1AM1 K . 19.32 -1.46 -4.15
S SO4 L . -14.84 3.68 26.12
O1 SO4 L . -14.10 4.92 26.09
O2 SO4 L . -14.20 2.72 25.25
O3 SO4 L . -14.88 3.16 27.46
O4 SO4 L . -16.19 3.91 25.66
N1 A1AM1 M . -24.44 -4.24 18.63
N3 A1AM1 M . -24.36 -2.23 17.74
C4 A1AM1 M . -24.90 -3.03 18.73
C5 A1AM1 M . -23.50 -3.07 17.06
C6 A1AM1 M . -22.61 -2.53 15.98
C7 A1AM1 M . -22.70 -1.03 15.82
C8 A1AM1 M . -24.14 -0.60 15.95
N A1AM1 M . -27.19 -2.60 19.46
C A1AM1 M . -30.15 -1.03 20.68
O A1AM1 M . -28.11 -0.83 18.44
C1 A1AM1 M . -28.62 -1.16 20.76
C2 A1AM1 M . -27.96 -1.52 19.45
C3 A1AM1 M . -25.79 -2.52 19.82
C9 A1AM1 M . -24.61 -0.83 17.38
N2 A1AM1 M . -23.55 -4.28 17.55
#